data_5UGV
#
_entry.id   5UGV
#
_cell.length_a   85.507
_cell.length_b   88.566
_cell.length_c   77.629
_cell.angle_alpha   90.00
_cell.angle_beta   90.00
_cell.angle_gamma   90.00
#
_symmetry.space_group_name_H-M   'P 21 21 2'
#
loop_
_entity.id
_entity.type
_entity.pdbx_description
1 polymer '4-hydroxy-tetrahydrodipicolinate reductase'
2 non-polymer NICOTINAMIDE-ADENINE-DINUCLEOTIDE
3 non-polymer 'SULFATE ION'
4 non-polymer 'TRIETHYLENE GLYCOL'
5 water water
#
_entity_poly.entity_id   1
_entity_poly.type   'polypeptide(L)'
_entity_poly.pdbx_seq_one_letter_code
;MHHHHHHSSGVDLGTENLYFQSGSGMRVGVLGAKGKVGATMVRAVAAADDLTLSAELDAGDPLSLLTDGNTEVVIDFTHP
DVVMGNLEFLIDNGIHAVVGTTGFTAERFQQVESWLVAKPNTSVLIAPNFAIGAVLSMHFAKQAARFFDSAEVIELHHPH
KADAPSGTAARTAKLIAEARKGLPPNPDATSTSLPGARGADVDGIPVHAVRLAGLVAHQEVLFGTEGETLTIRHDSLDRT
SFVPGVLLAVRRIAERPGLTVGLEPLLDLH
;
_entity_poly.pdbx_strand_id   A,B
#
# COMPACT_ATOMS: atom_id res chain seq x y z
N GLY A 25 -27.80 12.20 -4.06
CA GLY A 25 -28.73 12.72 -3.02
C GLY A 25 -29.11 11.57 -2.10
N MET A 26 -28.56 11.55 -0.88
CA MET A 26 -28.90 10.55 0.12
C MET A 26 -29.38 11.15 1.42
N ARG A 27 -30.34 10.46 2.03
CA ARG A 27 -30.94 10.84 3.29
C ARG A 27 -30.22 10.13 4.38
N VAL A 28 -29.60 10.91 5.26
CA VAL A 28 -28.66 10.38 6.27
C VAL A 28 -29.14 10.78 7.66
N GLY A 29 -29.26 9.80 8.53
CA GLY A 29 -29.54 9.96 9.92
C GLY A 29 -28.30 9.78 10.77
N VAL A 30 -28.27 10.47 11.88
CA VAL A 30 -27.22 10.32 12.85
C VAL A 30 -27.81 9.89 14.18
N LEU A 31 -27.34 8.77 14.66
CA LEU A 31 -27.54 8.28 16.01
C LEU A 31 -26.35 8.68 16.86
N GLY A 32 -26.64 9.17 18.06
CA GLY A 32 -25.62 9.69 18.94
C GLY A 32 -25.39 11.17 18.65
N ALA A 33 -26.43 11.89 18.25
CA ALA A 33 -26.28 13.22 17.69
C ALA A 33 -25.75 14.29 18.66
N LYS A 34 -25.84 14.09 19.97
CA LYS A 34 -25.28 15.03 20.95
C LYS A 34 -23.86 14.65 21.42
N GLY A 35 -23.37 13.47 21.07
CA GLY A 35 -22.02 13.09 21.46
C GLY A 35 -20.97 13.87 20.71
N LYS A 36 -19.72 13.68 21.09
CA LYS A 36 -18.59 14.36 20.45
C LYS A 36 -18.56 14.07 18.94
N VAL A 37 -18.51 12.80 18.60
CA VAL A 37 -18.45 12.42 17.21
C VAL A 37 -19.78 12.64 16.46
N GLY A 38 -20.90 12.24 17.08
CA GLY A 38 -22.22 12.50 16.49
C GLY A 38 -22.49 13.96 16.13
N ALA A 39 -22.22 14.90 17.03
CA ALA A 39 -22.48 16.32 16.73
C ALA A 39 -21.56 16.77 15.59
N THR A 40 -20.34 16.26 15.53
CA THR A 40 -19.45 16.62 14.44
C THR A 40 -19.97 16.11 13.08
N MET A 41 -20.49 14.89 13.06
CA MET A 41 -21.05 14.32 11.83
C MET A 41 -22.35 15.04 11.40
N VAL A 42 -23.17 15.49 12.35
CA VAL A 42 -24.35 16.31 12.04
C VAL A 42 -23.95 17.55 11.22
N ARG A 43 -22.96 18.28 11.71
CA ARG A 43 -22.42 19.44 10.99
C ARG A 43 -21.84 19.06 9.64
N ALA A 44 -21.13 17.93 9.60
CA ALA A 44 -20.51 17.51 8.31
C ALA A 44 -21.58 17.11 7.23
N VAL A 45 -22.66 16.48 7.69
CA VAL A 45 -23.72 16.09 6.77
C VAL A 45 -24.44 17.31 6.26
N ALA A 46 -24.70 18.26 7.17
CA ALA A 46 -25.36 19.54 6.80
C ALA A 46 -24.53 20.29 5.82
N ALA A 47 -23.21 20.32 5.96
CA ALA A 47 -22.33 21.04 4.97
C ALA A 47 -22.28 20.38 3.59
N ALA A 48 -22.37 19.06 3.54
CA ALA A 48 -22.23 18.36 2.26
C ALA A 48 -23.49 18.51 1.47
N ASP A 49 -23.36 18.92 0.23
CA ASP A 49 -24.49 19.27 -0.65
C ASP A 49 -25.29 18.04 -1.07
N ASP A 50 -24.60 16.94 -1.28
CA ASP A 50 -25.18 15.67 -1.76
C ASP A 50 -25.84 14.77 -0.66
N LEU A 51 -25.70 15.14 0.61
CA LEU A 51 -26.28 14.43 1.73
C LEU A 51 -27.22 15.37 2.49
N THR A 52 -28.39 14.84 2.82
CA THR A 52 -29.45 15.60 3.47
C THR A 52 -29.59 14.92 4.80
N LEU A 53 -29.53 15.73 5.85
CA LEU A 53 -29.82 15.26 7.19
C LEU A 53 -31.32 14.89 7.36
N SER A 54 -31.65 13.64 7.61
CA SER A 54 -33.03 13.19 7.72
C SER A 54 -33.54 13.05 9.15
N ALA A 55 -32.65 12.90 10.12
CA ALA A 55 -32.99 12.77 11.51
C ALA A 55 -31.73 12.82 12.34
N GLU A 56 -31.90 13.17 13.58
CA GLU A 56 -30.79 13.47 14.40
C GLU A 56 -31.27 13.00 15.78
N LEU A 57 -30.83 11.83 16.21
CA LEU A 57 -31.29 11.23 17.46
C LEU A 57 -30.19 11.15 18.46
N ASP A 58 -30.53 11.35 19.72
CA ASP A 58 -29.66 10.94 20.85
C ASP A 58 -30.39 9.94 21.74
N ALA A 59 -29.86 9.69 22.94
CA ALA A 59 -30.42 8.72 23.89
C ALA A 59 -31.81 9.11 24.28
N GLY A 60 -32.70 8.12 24.23
CA GLY A 60 -34.13 8.33 24.54
C GLY A 60 -35.02 8.74 23.38
N ASP A 61 -34.45 8.92 22.19
CA ASP A 61 -35.28 9.22 21.04
C ASP A 61 -35.71 7.89 20.43
N PRO A 62 -36.98 7.79 20.04
CA PRO A 62 -37.37 6.55 19.39
C PRO A 62 -36.80 6.40 17.98
N LEU A 63 -36.41 5.17 17.64
CA LEU A 63 -35.84 4.86 16.33
C LEU A 63 -36.79 5.07 15.17
N SER A 64 -38.08 5.03 15.45
CA SER A 64 -39.09 5.33 14.44
C SER A 64 -38.93 6.75 13.86
N LEU A 65 -38.27 7.65 14.57
CA LEU A 65 -37.84 8.95 13.90
C LEU A 65 -37.05 8.73 12.63
N LEU A 66 -36.27 7.64 12.53
CA LEU A 66 -35.51 7.34 11.32
C LEU A 66 -36.43 7.05 10.12
N THR A 67 -37.45 6.24 10.32
CA THR A 67 -38.37 5.82 9.23
C THR A 67 -39.38 6.92 8.94
N ASP A 68 -39.80 7.67 9.97
CA ASP A 68 -40.69 8.86 9.78
C ASP A 68 -40.04 9.91 8.86
N GLY A 69 -38.71 10.03 8.95
CA GLY A 69 -37.96 10.83 8.03
C GLY A 69 -37.37 10.21 6.75
N ASN A 70 -37.78 8.98 6.36
CA ASN A 70 -37.27 8.31 5.14
C ASN A 70 -35.73 8.24 5.01
N THR A 71 -35.11 7.85 6.10
CA THR A 71 -33.68 7.64 6.17
C THR A 71 -33.24 6.45 5.31
N GLU A 72 -32.21 6.66 4.49
CA GLU A 72 -31.59 5.61 3.71
C GLU A 72 -30.34 5.09 4.41
N VAL A 73 -29.57 5.95 5.09
CA VAL A 73 -28.33 5.54 5.70
C VAL A 73 -28.20 6.21 7.04
N VAL A 74 -27.70 5.50 8.02
CA VAL A 74 -27.49 6.03 9.35
C VAL A 74 -26.01 5.94 9.74
N ILE A 75 -25.53 6.92 10.46
CA ILE A 75 -24.20 6.95 10.97
C ILE A 75 -24.36 6.75 12.42
N ASP A 76 -23.68 5.77 13.00
CA ASP A 76 -23.94 5.42 14.37
C ASP A 76 -22.65 5.44 15.17
N PHE A 77 -22.53 6.38 16.07
CA PHE A 77 -21.41 6.40 17.04
C PHE A 77 -22.09 6.61 18.41
N THR A 78 -22.43 5.49 19.04
CA THR A 78 -23.28 5.51 20.19
C THR A 78 -22.46 4.94 21.34
N HIS A 79 -22.71 3.69 21.69
CA HIS A 79 -22.08 3.08 22.87
C HIS A 79 -22.28 1.57 22.68
N PRO A 80 -21.27 0.75 23.00
CA PRO A 80 -21.36 -0.71 22.79
C PRO A 80 -22.63 -1.39 23.40
N ASP A 81 -23.15 -0.83 24.49
CA ASP A 81 -24.39 -1.36 25.08
C ASP A 81 -25.69 -1.08 24.31
N VAL A 82 -25.70 -0.16 23.35
CA VAL A 82 -26.94 0.15 22.61
C VAL A 82 -26.88 -0.15 21.12
N VAL A 83 -25.69 -0.32 20.60
CA VAL A 83 -25.52 -0.44 19.15
C VAL A 83 -26.17 -1.71 18.56
N MET A 84 -26.20 -2.82 19.31
CA MET A 84 -26.75 -4.07 18.80
C MET A 84 -28.26 -3.93 18.59
N GLY A 85 -28.98 -3.34 19.54
CA GLY A 85 -30.44 -3.03 19.40
C GLY A 85 -30.71 -2.04 18.24
N ASN A 86 -29.86 -1.04 18.09
CA ASN A 86 -30.03 -0.13 16.98
C ASN A 86 -29.84 -0.85 15.66
N LEU A 87 -28.80 -1.69 15.58
CA LEU A 87 -28.52 -2.44 14.35
C LEU A 87 -29.64 -3.35 13.94
N GLU A 88 -30.26 -4.01 14.91
CA GLU A 88 -31.40 -4.90 14.63
C GLU A 88 -32.58 -4.15 13.94
N PHE A 89 -32.94 -3.00 14.50
CA PHE A 89 -33.96 -2.15 13.93
C PHE A 89 -33.57 -1.69 12.51
N LEU A 90 -32.35 -1.22 12.35
CA LEU A 90 -31.90 -0.68 11.06
C LEU A 90 -31.97 -1.73 9.95
N ILE A 91 -31.45 -2.92 10.26
CA ILE A 91 -31.37 -3.99 9.30
C ILE A 91 -32.78 -4.47 8.96
N ASP A 92 -33.59 -4.64 9.99
CA ASP A 92 -35.00 -4.96 9.82
C ASP A 92 -35.81 -3.96 8.91
N ASN A 93 -35.49 -2.66 8.94
CA ASN A 93 -36.19 -1.69 8.11
C ASN A 93 -35.47 -1.31 6.82
N GLY A 94 -34.41 -2.04 6.48
CA GLY A 94 -33.67 -1.77 5.24
C GLY A 94 -32.76 -0.55 5.23
N ILE A 95 -32.43 -0.04 6.42
CA ILE A 95 -31.62 1.20 6.53
C ILE A 95 -30.14 0.77 6.61
N HIS A 96 -29.33 1.25 5.64
CA HIS A 96 -27.89 0.98 5.65
C HIS A 96 -27.26 1.63 6.92
N ALA A 97 -26.23 1.04 7.46
CA ALA A 97 -25.59 1.51 8.68
C ALA A 97 -24.06 1.65 8.52
N VAL A 98 -23.52 2.78 8.93
CA VAL A 98 -22.12 3.04 8.96
C VAL A 98 -21.83 3.20 10.43
N VAL A 99 -21.09 2.28 11.00
CA VAL A 99 -20.98 2.16 12.44
C VAL A 99 -19.55 2.33 12.86
N GLY A 100 -19.34 3.27 13.76
CA GLY A 100 -18.03 3.50 14.33
C GLY A 100 -17.95 3.10 15.78
N THR A 101 -19.08 2.99 16.44
CA THR A 101 -19.12 2.43 17.82
C THR A 101 -18.24 1.14 17.94
N THR A 102 -17.47 1.08 19.02
CA THR A 102 -16.54 -0.01 19.26
C THR A 102 -17.17 -1.10 20.19
N GLY A 103 -16.30 -1.95 20.74
CA GLY A 103 -16.74 -3.08 21.58
C GLY A 103 -17.35 -4.21 20.79
N PHE A 104 -17.03 -4.29 19.48
CA PHE A 104 -17.52 -5.37 18.65
C PHE A 104 -16.66 -6.61 18.76
N THR A 105 -17.26 -7.67 19.26
CA THR A 105 -16.60 -8.97 19.43
C THR A 105 -16.84 -9.82 18.18
N ALA A 106 -16.09 -10.90 18.03
CA ALA A 106 -16.32 -11.86 16.95
C ALA A 106 -17.75 -12.35 16.91
N GLU A 107 -18.33 -12.61 18.09
CA GLU A 107 -19.72 -13.09 18.20
C GLU A 107 -20.72 -12.08 17.74
N ARG A 108 -20.50 -10.80 18.09
CA ARG A 108 -21.38 -9.75 17.64
C ARG A 108 -21.33 -9.64 16.12
N PHE A 109 -20.14 -9.75 15.54
CA PHE A 109 -19.99 -9.71 14.05
C PHE A 109 -20.80 -10.82 13.43
N GLN A 110 -20.71 -12.01 14.02
CA GLN A 110 -21.41 -13.17 13.51
C GLN A 110 -22.92 -12.94 13.59
N GLN A 111 -23.37 -12.34 14.68
CA GLN A 111 -24.78 -12.01 14.85
C GLN A 111 -25.30 -11.01 13.79
N VAL A 112 -24.54 -9.95 13.52
CA VAL A 112 -24.90 -8.98 12.49
C VAL A 112 -24.97 -9.65 11.11
N GLU A 113 -23.99 -10.48 10.82
CA GLU A 113 -23.99 -11.28 9.58
C GLU A 113 -25.25 -12.16 9.45
N SER A 114 -25.67 -12.75 10.57
CA SER A 114 -26.88 -13.59 10.62
C SER A 114 -28.17 -12.82 10.37
N TRP A 115 -28.33 -11.64 10.99
CA TRP A 115 -29.46 -10.75 10.66
C TRP A 115 -29.55 -10.35 9.19
N LEU A 116 -28.39 -10.15 8.56
CA LEU A 116 -28.36 -9.70 7.15
C LEU A 116 -28.74 -10.76 6.14
N VAL A 117 -28.67 -12.02 6.52
CA VAL A 117 -29.10 -13.07 5.59
C VAL A 117 -30.56 -12.79 5.19
N ALA A 118 -31.41 -12.43 6.18
CA ALA A 118 -32.82 -12.07 5.94
C ALA A 118 -33.04 -10.80 5.10
N LYS A 119 -32.03 -9.92 5.07
CA LYS A 119 -32.13 -8.63 4.41
C LYS A 119 -30.95 -8.42 3.43
N PRO A 120 -30.98 -9.15 2.31
CA PRO A 120 -29.82 -9.25 1.42
C PRO A 120 -29.44 -7.97 0.67
N ASN A 121 -30.36 -7.01 0.57
CA ASN A 121 -30.07 -5.66 -0.01
C ASN A 121 -29.55 -4.60 0.98
N THR A 122 -29.54 -4.93 2.28
CA THR A 122 -29.02 -4.04 3.31
C THR A 122 -27.49 -4.16 3.48
N SER A 123 -26.84 -3.04 3.72
CA SER A 123 -25.43 -2.97 3.89
C SER A 123 -25.13 -2.37 5.28
N VAL A 124 -24.16 -2.98 5.95
CA VAL A 124 -23.66 -2.54 7.21
C VAL A 124 -22.14 -2.53 7.12
N LEU A 125 -21.57 -1.41 7.51
CA LEU A 125 -20.15 -1.25 7.56
C LEU A 125 -19.85 -1.02 9.01
N ILE A 126 -18.92 -1.78 9.57
CA ILE A 126 -18.48 -1.57 10.93
C ILE A 126 -16.97 -1.36 10.86
N ALA A 127 -16.48 -0.24 11.38
CA ALA A 127 -15.08 0.08 11.16
C ALA A 127 -14.47 0.73 12.39
N PRO A 128 -13.28 0.29 12.79
CA PRO A 128 -12.64 0.92 13.92
C PRO A 128 -11.86 2.22 13.60
N ASN A 129 -11.65 2.51 12.30
CA ASN A 129 -10.88 3.72 11.87
C ASN A 129 -11.47 4.29 10.65
N PHE A 130 -11.91 5.55 10.65
CA PHE A 130 -12.42 6.16 9.47
C PHE A 130 -11.47 7.15 8.79
N ALA A 131 -10.32 7.41 9.40
CA ALA A 131 -9.39 8.32 8.78
C ALA A 131 -8.78 7.60 7.59
N ILE A 132 -8.90 8.22 6.42
CA ILE A 132 -8.49 7.57 5.18
C ILE A 132 -6.99 7.31 5.18
N GLY A 133 -6.22 8.22 5.71
CA GLY A 133 -4.79 8.00 5.83
C GLY A 133 -4.43 6.81 6.66
N ALA A 134 -5.15 6.63 7.75
CA ALA A 134 -4.91 5.50 8.69
C ALA A 134 -5.34 4.18 8.07
N VAL A 135 -6.47 4.18 7.38
CA VAL A 135 -6.95 3.01 6.67
C VAL A 135 -6.03 2.61 5.56
N LEU A 136 -5.57 3.54 4.75
CA LEU A 136 -4.59 3.23 3.74
C LEU A 136 -3.32 2.71 4.30
N SER A 137 -2.83 3.38 5.32
CA SER A 137 -1.60 2.98 5.96
C SER A 137 -1.66 1.48 6.44
N MET A 138 -2.74 1.07 7.04
CA MET A 138 -2.92 -0.31 7.48
C MET A 138 -2.97 -1.27 6.35
N HIS A 139 -3.66 -0.90 5.28
CA HIS A 139 -3.71 -1.72 4.11
C HIS A 139 -2.38 -1.89 3.43
N PHE A 140 -1.64 -0.80 3.32
CA PHE A 140 -0.25 -0.91 2.76
C PHE A 140 0.61 -1.79 3.61
N ALA A 141 0.42 -1.72 4.90
CA ALA A 141 1.29 -2.48 5.79
C ALA A 141 1.06 -4.00 5.63
N LYS A 142 -0.20 -4.37 5.54
CA LYS A 142 -0.60 -5.72 5.29
C LYS A 142 -0.04 -6.21 3.96
N GLN A 143 0.02 -5.37 2.95
CA GLN A 143 0.49 -5.79 1.60
C GLN A 143 2.02 -5.94 1.57
N ALA A 144 2.71 -5.09 2.28
CA ALA A 144 4.17 -5.12 2.33
C ALA A 144 4.76 -6.16 3.23
N ALA A 145 3.99 -6.65 4.18
CA ALA A 145 4.49 -7.48 5.25
C ALA A 145 5.18 -8.77 4.88
N ARG A 146 4.66 -9.48 3.87
CA ARG A 146 5.21 -10.77 3.41
C ARG A 146 6.58 -10.60 2.75
N PHE A 147 6.95 -9.38 2.33
CA PHE A 147 8.17 -9.25 1.56
C PHE A 147 9.42 -8.75 2.25
N PHE A 148 9.40 -8.65 3.58
CA PHE A 148 10.53 -8.14 4.31
C PHE A 148 10.91 -9.06 5.45
N ASP A 149 12.19 -9.13 5.76
CA ASP A 149 12.63 -9.89 6.93
C ASP A 149 12.10 -9.29 8.23
N SER A 150 12.05 -7.95 8.35
CA SER A 150 11.71 -7.28 9.66
C SER A 150 10.55 -6.34 9.53
N ALA A 151 9.68 -6.25 10.55
CA ALA A 151 8.60 -5.31 10.69
C ALA A 151 8.45 -4.84 12.10
N GLU A 152 8.32 -3.53 12.29
CA GLU A 152 8.10 -2.92 13.59
C GLU A 152 7.12 -1.75 13.46
N VAL A 153 6.42 -1.43 14.54
CA VAL A 153 5.50 -0.31 14.55
C VAL A 153 5.92 0.72 15.60
N ILE A 154 5.91 1.99 15.23
CA ILE A 154 6.14 3.04 16.17
C ILE A 154 4.92 3.95 16.14
N GLU A 155 4.36 4.25 17.30
CA GLU A 155 3.26 5.19 17.38
C GLU A 155 3.61 6.30 18.33
N LEU A 156 3.14 7.53 18.05
CA LEU A 156 3.43 8.66 18.84
C LEU A 156 2.18 9.43 19.09
N HIS A 157 1.91 9.76 20.35
CA HIS A 157 0.68 10.47 20.76
C HIS A 157 0.96 11.46 21.82
N HIS A 158 0.03 12.41 21.99
CA HIS A 158 0.07 13.40 23.12
C HIS A 158 0.08 12.66 24.44
N PRO A 159 0.66 13.28 25.46
CA PRO A 159 0.82 12.54 26.71
C PRO A 159 -0.46 12.39 27.60
N HIS A 160 -1.61 12.81 27.12
CA HIS A 160 -2.90 12.54 27.83
C HIS A 160 -3.52 11.21 27.48
N LYS A 161 -2.89 10.51 26.55
CA LYS A 161 -3.40 9.24 26.11
C LYS A 161 -3.26 8.14 27.16
N ALA A 162 -4.36 7.44 27.38
CA ALA A 162 -4.46 6.46 28.42
C ALA A 162 -3.87 5.09 28.07
N ASP A 163 -4.05 4.63 26.84
CA ASP A 163 -3.60 3.28 26.46
C ASP A 163 -2.26 3.30 25.66
N ALA A 164 -1.38 2.34 25.95
CA ALA A 164 -0.13 2.16 25.21
C ALA A 164 0.09 0.66 25.02
N PRO A 165 0.09 0.20 23.80
CA PRO A 165 0.01 1.02 22.61
C PRO A 165 -1.43 1.37 22.26
N SER A 166 -1.62 2.32 21.37
CA SER A 166 -2.96 2.66 20.88
C SER A 166 -3.63 1.49 20.21
N GLY A 167 -4.95 1.56 20.14
CA GLY A 167 -5.76 0.57 19.48
C GLY A 167 -5.31 0.44 18.03
N THR A 168 -5.01 1.54 17.37
CA THR A 168 -4.64 1.51 15.94
C THR A 168 -3.36 0.80 15.70
N ALA A 169 -2.36 1.05 16.56
CA ALA A 169 -1.08 0.40 16.45
C ALA A 169 -1.18 -1.08 16.68
N ALA A 170 -1.91 -1.48 17.73
CA ALA A 170 -2.09 -2.90 18.05
C ALA A 170 -2.81 -3.63 16.91
N ARG A 171 -3.86 -3.03 16.38
CA ARG A 171 -4.61 -3.58 15.20
C ARG A 171 -3.68 -3.71 13.97
N THR A 172 -2.82 -2.73 13.75
CA THR A 172 -1.88 -2.75 12.66
C THR A 172 -0.89 -3.88 12.81
N ALA A 173 -0.32 -4.02 13.99
CA ALA A 173 0.65 -5.08 14.23
C ALA A 173 -0.02 -6.46 14.08
N LYS A 174 -1.29 -6.60 14.47
CA LYS A 174 -2.00 -7.87 14.31
C LYS A 174 -2.16 -8.18 12.84
N LEU A 175 -2.50 -7.20 12.00
CA LEU A 175 -2.60 -7.44 10.56
C LEU A 175 -1.28 -7.84 9.94
N ILE A 176 -0.23 -7.15 10.35
CA ILE A 176 1.11 -7.47 9.86
C ILE A 176 1.46 -8.91 10.18
N ALA A 177 1.20 -9.30 11.43
CA ALA A 177 1.54 -10.67 11.91
C ALA A 177 0.78 -11.73 11.14
N GLU A 178 -0.49 -11.47 10.88
CA GLU A 178 -1.34 -12.37 10.12
C GLU A 178 -0.85 -12.52 8.66
N ALA A 179 -0.51 -11.44 8.02
CA ALA A 179 0.10 -11.50 6.69
C ALA A 179 1.44 -12.24 6.68
N ARG A 180 2.14 -12.30 7.82
CA ARG A 180 3.44 -12.97 7.97
C ARG A 180 3.37 -14.42 8.51
N LYS A 181 2.18 -15.00 8.62
CA LYS A 181 2.04 -16.40 9.04
C LYS A 181 2.96 -17.26 8.19
N GLY A 182 3.76 -18.11 8.82
CA GLY A 182 4.62 -19.03 8.06
C GLY A 182 5.95 -18.48 7.55
N LEU A 183 6.20 -17.19 7.71
CA LEU A 183 7.58 -16.65 7.58
C LEU A 183 8.35 -16.80 8.91
N PRO A 184 9.71 -16.75 8.85
CA PRO A 184 10.50 -16.71 10.09
C PRO A 184 10.15 -15.49 10.92
N PRO A 185 10.36 -15.57 12.24
CA PRO A 185 10.17 -14.36 13.08
C PRO A 185 11.18 -13.23 12.72
N ASN A 186 10.87 -12.00 13.11
CA ASN A 186 11.84 -10.92 13.04
C ASN A 186 13.19 -11.35 13.55
N PRO A 187 14.25 -11.17 12.73
CA PRO A 187 15.59 -11.53 13.27
C PRO A 187 15.97 -10.53 14.36
N ASP A 188 16.54 -11.05 15.44
CA ASP A 188 16.93 -10.25 16.59
C ASP A 188 18.02 -11.00 17.41
N ALA A 189 19.25 -10.47 17.35
CA ALA A 189 20.40 -10.96 18.16
C ALA A 189 20.51 -10.37 19.57
N THR A 190 19.55 -9.55 19.98
CA THR A 190 19.59 -8.91 21.31
C THR A 190 19.84 -9.95 22.45
N SER A 191 20.98 -9.84 23.12
CA SER A 191 21.26 -10.71 24.28
C SER A 191 21.40 -9.96 25.62
N THR A 192 21.60 -8.64 25.54
CA THR A 192 21.62 -7.75 26.70
C THR A 192 20.62 -6.63 26.42
N SER A 193 19.65 -6.46 27.33
CA SER A 193 18.74 -5.35 27.25
C SER A 193 18.22 -4.87 28.61
N LEU A 194 17.93 -3.57 28.68
CA LEU A 194 17.12 -2.96 29.72
C LEU A 194 15.67 -3.31 29.42
N PRO A 195 14.84 -3.51 30.46
CA PRO A 195 13.46 -3.85 30.11
C PRO A 195 12.71 -2.75 29.35
N GLY A 196 11.94 -3.18 28.35
CA GLY A 196 11.11 -2.29 27.59
C GLY A 196 11.82 -1.70 26.42
N ALA A 197 13.12 -1.89 26.28
CA ALA A 197 13.84 -1.30 25.14
C ALA A 197 13.30 -1.70 23.76
N ARG A 198 12.87 -2.95 23.65
CA ARG A 198 12.42 -3.56 22.43
C ARG A 198 10.91 -3.49 22.25
N GLY A 199 10.22 -2.76 23.10
CA GLY A 199 8.83 -2.50 22.80
C GLY A 199 7.94 -3.59 23.32
N ALA A 200 6.66 -3.49 23.00
CA ALA A 200 5.70 -4.49 23.37
C ALA A 200 5.57 -5.47 22.23
N ASP A 201 5.40 -6.71 22.56
CA ASP A 201 5.18 -7.73 21.56
C ASP A 201 3.72 -7.90 21.24
N VAL A 202 3.31 -7.66 20.00
CA VAL A 202 1.92 -7.87 19.59
C VAL A 202 1.97 -8.86 18.45
N ASP A 203 1.65 -10.11 18.77
CA ASP A 203 1.72 -11.24 17.87
C ASP A 203 3.04 -11.31 17.13
N GLY A 204 4.15 -11.12 17.86
CA GLY A 204 5.52 -11.28 17.27
C GLY A 204 6.04 -9.98 16.64
N ILE A 205 5.22 -8.91 16.62
CA ILE A 205 5.67 -7.63 16.03
C ILE A 205 5.94 -6.57 17.13
N PRO A 206 7.18 -6.07 17.22
CA PRO A 206 7.40 -5.06 18.25
C PRO A 206 6.60 -3.77 17.97
N VAL A 207 5.99 -3.20 19.01
CA VAL A 207 5.30 -1.96 18.97
C VAL A 207 5.88 -1.02 20.02
N HIS A 208 6.28 0.18 19.61
CA HIS A 208 6.85 1.19 20.49
C HIS A 208 5.93 2.40 20.58
N ALA A 209 5.70 2.86 21.80
CA ALA A 209 4.77 4.00 22.04
C ALA A 209 5.48 5.18 22.63
N VAL A 210 5.58 6.25 21.84
CA VAL A 210 6.16 7.52 22.26
C VAL A 210 5.05 8.43 22.75
N ARG A 211 5.28 9.08 23.88
CA ARG A 211 4.29 10.04 24.48
C ARG A 211 4.92 11.38 24.70
N LEU A 212 4.55 12.33 23.86
CA LEU A 212 5.28 13.54 23.70
C LEU A 212 4.28 14.69 23.64
N ALA A 213 4.45 15.65 24.54
CA ALA A 213 3.71 16.89 24.42
C ALA A 213 3.88 17.52 23.07
N GLY A 214 2.81 18.12 22.60
CA GLY A 214 2.81 18.77 21.29
C GLY A 214 2.36 17.87 20.13
N LEU A 215 2.31 16.55 20.33
CA LEU A 215 1.83 15.64 19.28
C LEU A 215 0.29 15.48 19.33
N VAL A 216 -0.30 15.11 18.21
CA VAL A 216 -1.66 14.61 18.15
C VAL A 216 -1.68 13.09 18.00
N ALA A 217 -1.71 12.53 16.79
CA ALA A 217 -1.71 11.06 16.64
C ALA A 217 -0.91 10.72 15.40
N HIS A 218 0.06 9.81 15.51
CA HIS A 218 1.07 9.55 14.54
C HIS A 218 1.45 8.13 14.61
N GLN A 219 1.63 7.49 13.47
CA GLN A 219 2.05 6.13 13.40
C GLN A 219 2.97 5.86 12.22
N GLU A 220 4.05 5.11 12.45
CA GLU A 220 5.03 4.66 11.42
C GLU A 220 5.11 3.15 11.46
N VAL A 221 5.07 2.50 10.30
CA VAL A 221 5.35 1.11 10.17
C VAL A 221 6.65 1.00 9.40
N LEU A 222 7.58 0.24 9.93
CA LEU A 222 8.90 0.08 9.35
C LEU A 222 9.11 -1.36 8.94
N PHE A 223 9.52 -1.53 7.70
CA PHE A 223 9.89 -2.81 7.18
C PHE A 223 11.29 -2.77 6.64
N GLY A 224 11.99 -3.88 6.76
CA GLY A 224 13.37 -3.90 6.40
C GLY A 224 13.81 -5.25 5.91
N THR A 225 14.80 -5.21 5.04
CA THR A 225 15.46 -6.41 4.58
C THR A 225 16.85 -5.92 4.23
N GLU A 226 17.83 -6.80 4.17
CA GLU A 226 19.20 -6.35 3.89
C GLU A 226 19.22 -5.51 2.63
N GLY A 227 19.82 -4.36 2.74
CA GLY A 227 19.88 -3.42 1.65
C GLY A 227 18.81 -2.37 1.51
N GLU A 228 17.63 -2.56 2.12
CA GLU A 228 16.57 -1.52 1.96
C GLU A 228 15.56 -1.48 3.07
N THR A 229 14.93 -0.34 3.24
CA THR A 229 13.82 -0.22 4.15
C THR A 229 12.67 0.56 3.47
N LEU A 230 11.47 0.34 3.99
CA LEU A 230 10.27 0.96 3.57
C LEU A 230 9.52 1.40 4.80
N THR A 231 9.01 2.63 4.82
CA THR A 231 8.35 3.21 5.94
C THR A 231 7.05 3.80 5.50
N ILE A 232 5.99 3.58 6.24
CA ILE A 232 4.73 4.17 5.95
C ILE A 232 4.32 4.97 7.18
N ARG A 233 4.15 6.28 7.01
CA ARG A 233 3.82 7.16 8.10
C ARG A 233 2.49 7.91 7.90
N HIS A 234 1.63 7.81 8.90
CA HIS A 234 0.38 8.54 8.97
C HIS A 234 0.44 9.58 10.06
N ASP A 235 0.13 10.83 9.75
CA ASP A 235 0.11 11.94 10.77
C ASP A 235 -1.26 12.52 10.74
N SER A 236 -1.89 12.56 11.89
CA SER A 236 -3.16 13.20 12.00
C SER A 236 -2.91 14.45 12.82
N LEU A 237 -3.19 15.63 12.28
CA LEU A 237 -2.92 16.87 12.96
C LEU A 237 -4.15 17.53 13.52
N ASP A 238 -5.31 16.97 13.29
CA ASP A 238 -6.44 17.31 14.11
C ASP A 238 -7.37 16.14 14.34
N ARG A 239 -8.06 16.22 15.47
CA ARG A 239 -8.99 15.23 15.99
C ARG A 239 -10.22 14.94 15.04
N THR A 240 -10.61 15.87 14.16
CA THR A 240 -11.68 15.62 13.18
C THR A 240 -11.26 15.07 11.80
N SER A 241 -10.03 14.58 11.66
CA SER A 241 -9.54 14.08 10.36
C SER A 241 -10.27 12.84 9.86
N PHE A 242 -10.98 12.11 10.75
CA PHE A 242 -11.81 10.96 10.41
C PHE A 242 -13.05 11.33 9.59
N VAL A 243 -13.54 12.58 9.62
CA VAL A 243 -14.85 12.98 8.97
C VAL A 243 -14.99 12.58 7.48
N PRO A 244 -13.99 12.84 6.62
CA PRO A 244 -14.10 12.40 5.22
C PRO A 244 -14.20 10.90 4.99
N GLY A 245 -13.57 10.09 5.84
CA GLY A 245 -13.79 8.68 5.70
C GLY A 245 -15.24 8.24 5.98
N VAL A 246 -15.86 8.85 6.99
CA VAL A 246 -17.23 8.51 7.35
C VAL A 246 -18.12 8.93 6.19
N LEU A 247 -17.91 10.15 5.64
CA LEU A 247 -18.70 10.62 4.50
C LEU A 247 -18.52 9.72 3.33
N LEU A 248 -17.28 9.32 3.04
CA LEU A 248 -17.01 8.37 1.98
C LEU A 248 -17.77 7.05 2.19
N ALA A 249 -17.72 6.54 3.42
CA ALA A 249 -18.54 5.33 3.76
C ALA A 249 -20.02 5.50 3.53
N VAL A 250 -20.54 6.64 3.92
CA VAL A 250 -21.96 6.92 3.70
C VAL A 250 -22.27 6.93 2.21
N ARG A 251 -21.41 7.51 1.41
CA ARG A 251 -21.67 7.60 -0.06
C ARG A 251 -21.54 6.31 -0.85
N ARG A 252 -20.78 5.37 -0.31
CA ARG A 252 -20.48 4.13 -0.96
C ARG A 252 -21.07 2.92 -0.34
N ILE A 253 -21.59 3.00 0.87
CA ILE A 253 -21.95 1.75 1.57
C ILE A 253 -22.92 0.80 0.80
N ALA A 254 -23.85 1.38 0.08
CA ALA A 254 -24.81 0.64 -0.71
C ALA A 254 -24.16 -0.17 -1.87
N GLU A 255 -22.94 0.17 -2.28
CA GLU A 255 -22.22 -0.61 -3.31
C GLU A 255 -21.91 -2.06 -2.89
N ARG A 256 -21.79 -2.31 -1.57
CA ARG A 256 -21.52 -3.66 -1.04
C ARG A 256 -22.63 -4.17 -0.15
N PRO A 257 -23.50 -5.00 -0.67
CA PRO A 257 -24.49 -5.64 0.19
C PRO A 257 -23.86 -6.47 1.33
N GLY A 258 -24.57 -6.61 2.43
CA GLY A 258 -24.06 -7.40 3.57
C GLY A 258 -23.11 -6.62 4.49
N LEU A 259 -22.35 -7.35 5.29
CA LEU A 259 -21.49 -6.81 6.29
C LEU A 259 -20.14 -6.59 5.71
N THR A 260 -19.63 -5.37 5.88
CA THR A 260 -18.28 -5.04 5.58
C THR A 260 -17.60 -4.64 6.88
N VAL A 261 -16.44 -5.23 7.16
CA VAL A 261 -15.65 -4.92 8.36
C VAL A 261 -14.44 -4.13 7.90
N GLY A 262 -14.28 -2.92 8.37
CA GLY A 262 -13.17 -2.04 8.02
C GLY A 262 -13.55 -1.23 6.78
N LEU A 263 -13.00 -0.04 6.67
CA LEU A 263 -13.28 0.84 5.56
C LEU A 263 -12.63 0.44 4.24
N GLU A 264 -11.52 -0.30 4.31
CA GLU A 264 -10.70 -0.64 3.13
C GLU A 264 -11.50 -1.18 1.92
N PRO A 265 -12.36 -2.18 2.13
CA PRO A 265 -13.08 -2.65 0.93
C PRO A 265 -13.87 -1.57 0.16
N LEU A 266 -14.35 -0.51 0.80
CA LEU A 266 -15.06 0.53 0.06
C LEU A 266 -14.13 1.48 -0.67
N LEU A 267 -12.85 1.45 -0.31
CA LEU A 267 -11.88 2.24 -1.03
C LEU A 267 -11.64 1.79 -2.47
N ASP A 268 -12.04 0.56 -2.85
CA ASP A 268 -12.05 0.18 -4.28
C ASP A 268 -10.56 0.08 -4.78
N LEU A 269 -9.70 -0.47 -3.92
CA LEU A 269 -8.29 -0.76 -4.21
C LEU A 269 -8.11 -2.16 -4.83
N GLY B 25 14.27 -27.89 -6.96
CA GLY B 25 15.06 -26.66 -7.25
C GLY B 25 15.10 -26.26 -8.71
N MET B 26 14.81 -25.00 -8.99
CA MET B 26 14.74 -24.54 -10.38
C MET B 26 16.12 -24.32 -10.99
N ARG B 27 16.22 -24.57 -12.28
CA ARG B 27 17.41 -24.40 -13.07
C ARG B 27 17.39 -23.02 -13.71
N VAL B 28 18.35 -22.18 -13.30
CA VAL B 28 18.39 -20.78 -13.67
C VAL B 28 19.62 -20.49 -14.41
N GLY B 29 19.47 -19.86 -15.57
CA GLY B 29 20.54 -19.30 -16.37
C GLY B 29 20.63 -17.78 -16.26
N VAL B 30 21.83 -17.26 -16.49
CA VAL B 30 22.08 -15.86 -16.48
C VAL B 30 22.72 -15.45 -17.79
N LEU B 31 22.09 -14.50 -18.44
CA LEU B 31 22.58 -13.82 -19.63
C LEU B 31 23.14 -12.48 -19.17
N GLY B 32 24.35 -12.17 -19.61
CA GLY B 32 25.05 -11.02 -19.17
C GLY B 32 25.87 -11.35 -17.97
N ALA B 33 26.42 -12.55 -17.92
CA ALA B 33 27.03 -13.05 -16.70
C ALA B 33 28.26 -12.29 -16.22
N LYS B 34 28.95 -11.60 -17.10
CA LYS B 34 30.18 -10.89 -16.71
C LYS B 34 29.90 -9.43 -16.38
N GLY B 35 28.69 -8.95 -16.64
CA GLY B 35 28.35 -7.55 -16.34
C GLY B 35 28.21 -7.28 -14.84
N LYS B 36 28.01 -6.01 -14.48
CA LYS B 36 27.91 -5.59 -13.09
C LYS B 36 26.74 -6.36 -12.41
N VAL B 37 25.56 -6.27 -13.00
CA VAL B 37 24.42 -6.93 -12.43
C VAL B 37 24.47 -8.44 -12.63
N GLY B 38 24.81 -8.89 -13.83
CA GLY B 38 24.87 -10.31 -14.09
C GLY B 38 25.75 -11.06 -13.12
N ALA B 39 26.96 -10.55 -12.89
CA ALA B 39 27.91 -11.26 -12.04
C ALA B 39 27.36 -11.27 -10.63
N THR B 40 26.65 -10.22 -10.22
CA THR B 40 26.00 -10.26 -8.92
C THR B 40 24.91 -11.37 -8.85
N MET B 41 24.14 -11.50 -9.90
CA MET B 41 23.06 -12.49 -9.91
C MET B 41 23.60 -13.94 -9.96
N VAL B 42 24.69 -14.16 -10.65
CA VAL B 42 25.40 -15.44 -10.62
C VAL B 42 25.72 -15.84 -9.20
N ARG B 43 26.37 -14.97 -8.45
CA ARG B 43 26.63 -15.23 -7.04
C ARG B 43 25.36 -15.45 -6.21
N ALA B 44 24.34 -14.66 -6.46
CA ALA B 44 23.10 -14.81 -5.70
C ALA B 44 22.43 -16.16 -5.97
N VAL B 45 22.44 -16.61 -7.22
CA VAL B 45 21.85 -17.88 -7.57
C VAL B 45 22.63 -19.09 -6.99
N ALA B 46 23.95 -19.02 -7.03
CA ALA B 46 24.83 -19.98 -6.40
C ALA B 46 24.63 -20.04 -4.92
N ALA B 47 24.42 -18.90 -4.26
CA ALA B 47 24.14 -18.93 -2.79
C ALA B 47 22.76 -19.53 -2.46
N ALA B 48 21.77 -19.28 -3.26
CA ALA B 48 20.43 -19.75 -2.95
C ALA B 48 20.38 -21.25 -3.17
N ASP B 49 19.92 -21.95 -2.15
CA ASP B 49 19.90 -23.41 -2.11
C ASP B 49 18.87 -23.97 -3.07
N ASP B 50 17.73 -23.28 -3.23
CA ASP B 50 16.61 -23.75 -4.06
C ASP B 50 16.78 -23.52 -5.60
N LEU B 51 17.83 -22.82 -6.01
CA LEU B 51 18.08 -22.45 -7.39
C LEU B 51 19.43 -22.98 -7.74
N THR B 52 19.48 -23.65 -8.88
CA THR B 52 20.72 -24.27 -9.35
C THR B 52 21.11 -23.53 -10.64
N LEU B 53 22.34 -23.06 -10.68
CA LEU B 53 22.84 -22.35 -11.84
C LEU B 53 23.06 -23.33 -13.02
N SER B 54 22.34 -23.15 -14.10
CA SER B 54 22.39 -24.06 -15.24
C SER B 54 23.27 -23.62 -16.40
N ALA B 55 23.57 -22.34 -16.51
CA ALA B 55 24.36 -21.80 -17.57
C ALA B 55 24.62 -20.30 -17.28
N GLU B 56 25.72 -19.83 -17.77
CA GLU B 56 26.21 -18.56 -17.39
C GLU B 56 26.81 -18.02 -18.70
N LEU B 57 26.08 -17.17 -19.41
CA LEU B 57 26.47 -16.69 -20.71
C LEU B 57 26.79 -15.21 -20.74
N ASP B 58 27.80 -14.85 -21.49
CA ASP B 58 28.07 -13.47 -21.82
C ASP B 58 28.09 -13.33 -23.33
N ALA B 59 28.55 -12.16 -23.81
CA ALA B 59 28.52 -11.86 -25.23
C ALA B 59 29.36 -12.84 -26.00
N GLY B 60 28.79 -13.34 -27.10
CA GLY B 60 29.45 -14.35 -27.96
C GLY B 60 29.17 -15.81 -27.62
N ASP B 61 28.43 -16.08 -26.56
CA ASP B 61 28.13 -17.49 -26.19
C ASP B 61 26.82 -17.83 -26.93
N PRO B 62 26.72 -19.01 -27.48
CA PRO B 62 25.49 -19.37 -28.17
C PRO B 62 24.37 -19.67 -27.17
N LEU B 63 23.15 -19.25 -27.51
CA LEU B 63 21.99 -19.45 -26.67
C LEU B 63 21.58 -20.88 -26.47
N SER B 64 21.98 -21.76 -27.37
CA SER B 64 21.83 -23.17 -27.20
C SER B 64 22.49 -23.71 -25.90
N LEU B 65 23.49 -23.03 -25.36
CA LEU B 65 23.94 -23.35 -24.02
C LEU B 65 22.82 -23.39 -23.00
N LEU B 66 21.82 -22.56 -23.14
CA LEU B 66 20.66 -22.58 -22.22
C LEU B 66 19.82 -23.86 -22.28
N THR B 67 19.56 -24.35 -23.47
CA THR B 67 18.79 -25.62 -23.67
C THR B 67 19.65 -26.86 -23.40
N ASP B 68 20.93 -26.81 -23.79
CA ASP B 68 21.87 -27.90 -23.48
C ASP B 68 21.95 -28.16 -22.00
N GLY B 69 21.87 -27.11 -21.20
CA GLY B 69 21.83 -27.25 -19.72
C GLY B 69 20.47 -27.34 -19.02
N ASN B 70 19.38 -27.58 -19.77
CA ASN B 70 18.01 -27.70 -19.23
C ASN B 70 17.58 -26.57 -18.32
N THR B 71 17.82 -25.36 -18.80
CA THR B 71 17.42 -24.16 -18.13
C THR B 71 15.88 -24.01 -18.15
N GLU B 72 15.31 -23.68 -17.00
CA GLU B 72 13.90 -23.38 -16.90
C GLU B 72 13.66 -21.88 -16.85
N VAL B 73 14.54 -21.09 -16.21
CA VAL B 73 14.32 -19.66 -16.17
C VAL B 73 15.65 -18.99 -16.43
N VAL B 74 15.63 -17.87 -17.12
CA VAL B 74 16.78 -17.05 -17.38
C VAL B 74 16.60 -15.63 -16.78
N ILE B 75 17.65 -15.09 -16.23
CA ILE B 75 17.70 -13.73 -15.80
C ILE B 75 18.51 -13.02 -16.83
N ASP B 76 18.02 -11.91 -17.34
CA ASP B 76 18.66 -11.23 -18.48
C ASP B 76 18.89 -9.76 -18.12
N PHE B 77 20.15 -9.40 -17.93
CA PHE B 77 20.51 -8.02 -17.84
C PHE B 77 21.65 -7.86 -18.83
N THR B 78 21.27 -7.47 -20.06
CA THR B 78 22.22 -7.48 -21.18
C THR B 78 22.33 -6.06 -21.72
N HIS B 79 21.67 -5.75 -22.80
CA HIS B 79 21.75 -4.43 -23.40
C HIS B 79 20.53 -4.36 -24.31
N PRO B 80 19.86 -3.19 -24.36
CA PRO B 80 18.68 -3.04 -25.26
C PRO B 80 18.85 -3.53 -26.72
N ASP B 81 20.06 -3.48 -27.26
CA ASP B 81 20.27 -3.94 -28.64
C ASP B 81 20.29 -5.43 -28.83
N VAL B 82 20.43 -6.20 -27.78
CA VAL B 82 20.51 -7.68 -27.93
C VAL B 82 19.33 -8.43 -27.28
N VAL B 83 18.58 -7.75 -26.41
CA VAL B 83 17.56 -8.41 -25.59
C VAL B 83 16.40 -8.96 -26.43
N MET B 84 16.08 -8.33 -27.54
CA MET B 84 14.96 -8.78 -28.39
C MET B 84 15.28 -10.12 -29.02
N GLY B 85 16.50 -10.29 -29.52
CA GLY B 85 16.95 -11.60 -30.09
C GLY B 85 16.98 -12.67 -29.03
N ASN B 86 17.43 -12.30 -27.83
CA ASN B 86 17.47 -13.25 -26.80
C ASN B 86 16.08 -13.69 -26.44
N LEU B 87 15.18 -12.73 -26.31
CA LEU B 87 13.81 -13.05 -25.98
C LEU B 87 13.09 -13.96 -26.96
N GLU B 88 13.32 -13.71 -28.22
CA GLU B 88 12.77 -14.59 -29.26
C GLU B 88 13.16 -16.08 -29.05
N PHE B 89 14.47 -16.33 -28.84
CA PHE B 89 14.97 -17.64 -28.60
C PHE B 89 14.33 -18.24 -27.34
N LEU B 90 14.29 -17.45 -26.25
CA LEU B 90 13.82 -17.96 -25.00
C LEU B 90 12.35 -18.39 -25.07
N ILE B 91 11.56 -17.52 -25.65
CA ILE B 91 10.13 -17.78 -25.78
C ILE B 91 9.89 -19.00 -26.68
N ASP B 92 10.59 -19.02 -27.79
CA ASP B 92 10.55 -20.17 -28.73
C ASP B 92 10.83 -21.53 -28.01
N ASN B 93 11.76 -21.54 -27.04
CA ASN B 93 12.16 -22.79 -26.42
C ASN B 93 11.55 -23.03 -25.07
N GLY B 94 10.53 -22.26 -24.72
CA GLY B 94 9.83 -22.53 -23.47
C GLY B 94 10.64 -22.19 -22.21
N ILE B 95 11.55 -21.21 -22.34
CA ILE B 95 12.34 -20.75 -21.19
C ILE B 95 11.79 -19.44 -20.63
N HIS B 96 11.34 -19.50 -19.37
CA HIS B 96 10.79 -18.30 -18.73
C HIS B 96 11.90 -17.23 -18.64
N ALA B 97 11.55 -15.97 -18.76
CA ALA B 97 12.54 -14.86 -18.79
C ALA B 97 12.20 -13.79 -17.76
N VAL B 98 13.17 -13.43 -16.93
CA VAL B 98 13.09 -12.33 -16.03
C VAL B 98 14.07 -11.31 -16.55
N VAL B 99 13.58 -10.17 -17.00
CA VAL B 99 14.37 -9.25 -17.78
C VAL B 99 14.40 -7.93 -17.11
N GLY B 100 15.60 -7.48 -16.85
CA GLY B 100 15.85 -6.18 -16.29
C GLY B 100 16.40 -5.20 -17.30
N THR B 101 16.98 -5.70 -18.37
CA THR B 101 17.46 -4.84 -19.44
C THR B 101 16.40 -3.78 -19.79
N THR B 102 16.85 -2.55 -19.97
CA THR B 102 15.95 -1.43 -20.26
C THR B 102 15.83 -1.16 -21.79
N GLY B 103 15.34 0.05 -22.14
CA GLY B 103 15.07 0.43 -23.52
C GLY B 103 13.85 -0.21 -24.13
N PHE B 104 12.91 -0.68 -23.29
CA PHE B 104 11.63 -1.24 -23.82
C PHE B 104 10.62 -0.13 -24.24
N THR B 105 10.06 -0.26 -25.44
CA THR B 105 9.02 0.60 -25.99
C THR B 105 7.66 -0.15 -26.11
N ALA B 106 6.59 0.57 -26.40
CA ALA B 106 5.27 -0.01 -26.75
C ALA B 106 5.34 -1.03 -27.86
N GLU B 107 6.12 -0.74 -28.91
CA GLU B 107 6.28 -1.67 -30.05
C GLU B 107 7.00 -2.96 -29.61
N ARG B 108 8.00 -2.83 -28.77
CA ARG B 108 8.73 -3.99 -28.31
C ARG B 108 7.83 -4.88 -27.44
N PHE B 109 7.01 -4.28 -26.57
CA PHE B 109 6.06 -5.04 -25.77
C PHE B 109 5.07 -5.78 -26.70
N GLN B 110 4.60 -5.11 -27.73
CA GLN B 110 3.67 -5.73 -28.64
C GLN B 110 4.33 -6.98 -29.21
N GLN B 111 5.57 -6.83 -29.63
CA GLN B 111 6.23 -7.88 -30.34
C GLN B 111 6.39 -9.11 -29.42
N VAL B 112 6.78 -8.86 -28.16
CA VAL B 112 6.88 -9.87 -27.22
C VAL B 112 5.55 -10.55 -27.00
N GLU B 113 4.49 -9.77 -26.87
CA GLU B 113 3.11 -10.29 -26.72
C GLU B 113 2.75 -11.20 -27.85
N SER B 114 3.11 -10.80 -29.09
CA SER B 114 2.81 -11.65 -30.27
C SER B 114 3.61 -12.97 -30.28
N TRP B 115 4.89 -12.94 -29.94
CA TRP B 115 5.66 -14.17 -29.82
C TRP B 115 5.03 -15.14 -28.82
N LEU B 116 4.47 -14.62 -27.73
CA LEU B 116 3.86 -15.44 -26.68
C LEU B 116 2.53 -16.04 -27.05
N VAL B 117 1.85 -15.50 -28.05
CA VAL B 117 0.60 -16.11 -28.50
C VAL B 117 0.88 -17.54 -28.93
N ALA B 118 1.94 -17.75 -29.69
CA ALA B 118 2.41 -19.11 -30.04
C ALA B 118 2.84 -20.01 -28.84
N LYS B 119 3.24 -19.40 -27.72
CA LYS B 119 3.83 -20.12 -26.58
C LYS B 119 3.12 -19.80 -25.28
N PRO B 120 1.86 -20.20 -25.20
CA PRO B 120 1.01 -19.73 -24.10
C PRO B 120 1.47 -20.16 -22.68
N ASN B 121 2.32 -21.19 -22.59
CA ASN B 121 2.86 -21.65 -21.30
C ASN B 121 4.13 -20.92 -20.78
N THR B 122 4.72 -20.13 -21.67
CA THR B 122 5.88 -19.35 -21.35
C THR B 122 5.53 -18.00 -20.67
N SER B 123 6.36 -17.59 -19.70
CA SER B 123 6.18 -16.38 -18.93
C SER B 123 7.44 -15.52 -19.14
N VAL B 124 7.18 -14.26 -19.37
CA VAL B 124 8.15 -13.26 -19.53
C VAL B 124 7.75 -12.08 -18.60
N LEU B 125 8.72 -11.63 -17.83
CA LEU B 125 8.52 -10.50 -16.91
C LEU B 125 9.55 -9.48 -17.31
N ILE B 126 9.10 -8.27 -17.65
CA ILE B 126 10.03 -7.20 -18.02
C ILE B 126 9.80 -6.09 -17.01
N ALA B 127 10.84 -5.69 -16.30
CA ALA B 127 10.62 -4.74 -15.19
C ALA B 127 11.69 -3.70 -15.11
N PRO B 128 11.33 -2.44 -14.89
CA PRO B 128 12.39 -1.40 -14.78
C PRO B 128 12.99 -1.28 -13.41
N ASN B 129 12.40 -1.93 -12.42
CA ASN B 129 12.91 -1.87 -11.06
C ASN B 129 12.62 -3.13 -10.31
N PHE B 130 13.64 -3.77 -9.77
CA PHE B 130 13.47 -4.98 -8.98
C PHE B 130 13.60 -4.84 -7.50
N ALA B 131 13.84 -3.63 -7.04
CA ALA B 131 13.82 -3.41 -5.57
C ALA B 131 12.40 -3.41 -5.03
N ILE B 132 12.13 -4.37 -4.16
CA ILE B 132 10.81 -4.60 -3.65
C ILE B 132 10.24 -3.36 -2.96
N GLY B 133 11.05 -2.65 -2.19
CA GLY B 133 10.59 -1.48 -1.58
C GLY B 133 10.19 -0.38 -2.56
N ALA B 134 10.95 -0.23 -3.61
CA ALA B 134 10.66 0.78 -4.61
C ALA B 134 9.38 0.39 -5.37
N VAL B 135 9.21 -0.87 -5.68
CA VAL B 135 8.03 -1.34 -6.41
C VAL B 135 6.77 -1.16 -5.57
N LEU B 136 6.82 -1.54 -4.31
CA LEU B 136 5.66 -1.35 -3.38
C LEU B 136 5.36 0.07 -3.15
N SER B 137 6.40 0.83 -2.99
CA SER B 137 6.25 2.28 -2.83
C SER B 137 5.49 2.95 -3.98
N MET B 138 5.81 2.62 -5.18
CA MET B 138 5.14 3.22 -6.36
C MET B 138 3.70 2.77 -6.42
N HIS B 139 3.45 1.53 -6.17
CA HIS B 139 2.13 1.03 -6.14
C HIS B 139 1.25 1.70 -5.05
N PHE B 140 1.81 1.84 -3.82
CA PHE B 140 1.08 2.53 -2.73
C PHE B 140 0.78 3.95 -3.10
N ALA B 141 1.70 4.58 -3.79
CA ALA B 141 1.51 5.93 -4.17
C ALA B 141 0.35 6.06 -5.13
N LYS B 142 0.27 5.15 -6.08
CA LYS B 142 -0.77 5.17 -7.08
C LYS B 142 -2.11 4.95 -6.42
N GLN B 143 -2.18 4.03 -5.47
CA GLN B 143 -3.44 3.67 -4.80
C GLN B 143 -3.95 4.79 -3.88
N ALA B 144 -3.05 5.50 -3.24
CA ALA B 144 -3.43 6.58 -2.38
C ALA B 144 -3.77 7.92 -3.03
N ALA B 145 -3.25 8.13 -4.22
CA ALA B 145 -3.22 9.47 -4.87
C ALA B 145 -4.56 10.16 -5.00
N ARG B 146 -5.62 9.39 -5.24
CA ARG B 146 -6.95 9.97 -5.46
C ARG B 146 -7.59 10.46 -4.20
N PHE B 147 -7.10 10.09 -3.01
CA PHE B 147 -7.79 10.47 -1.79
C PHE B 147 -7.27 11.72 -1.12
N PHE B 148 -6.31 12.41 -1.70
CA PHE B 148 -5.70 13.54 -1.06
C PHE B 148 -5.74 14.78 -1.95
N ASP B 149 -5.87 15.93 -1.33
CA ASP B 149 -5.79 17.19 -2.08
C ASP B 149 -4.40 17.42 -2.70
N SER B 150 -3.31 17.09 -1.95
CA SER B 150 -1.95 17.45 -2.35
C SER B 150 -1.08 16.21 -2.42
N ALA B 151 -0.11 16.19 -3.37
CA ALA B 151 0.92 15.18 -3.51
C ALA B 151 2.18 15.85 -3.98
N GLU B 152 3.30 15.51 -3.34
CA GLU B 152 4.61 15.96 -3.76
C GLU B 152 5.60 14.83 -3.59
N VAL B 153 6.65 14.84 -4.39
CA VAL B 153 7.68 13.81 -4.29
C VAL B 153 9.02 14.44 -3.88
N ILE B 154 9.73 13.82 -2.95
CA ILE B 154 11.08 14.26 -2.56
C ILE B 154 12.01 13.09 -2.74
N GLU B 155 13.08 13.30 -3.46
CA GLU B 155 14.08 12.24 -3.62
C GLU B 155 15.45 12.76 -3.21
N LEU B 156 16.24 11.89 -2.61
CA LEU B 156 17.54 12.29 -2.06
C LEU B 156 18.58 11.27 -2.52
N HIS B 157 19.66 11.77 -3.10
CA HIS B 157 20.73 10.91 -3.59
C HIS B 157 22.11 11.46 -3.26
N HIS B 158 23.11 10.60 -3.29
CA HIS B 158 24.52 11.03 -3.17
C HIS B 158 24.82 12.08 -4.26
N PRO B 159 25.77 12.98 -4.01
CA PRO B 159 26.01 14.03 -4.96
C PRO B 159 26.80 13.65 -6.25
N HIS B 160 27.12 12.38 -6.43
CA HIS B 160 27.74 11.90 -7.69
C HIS B 160 26.66 11.63 -8.75
N LYS B 161 25.39 11.74 -8.39
CA LYS B 161 24.29 11.48 -9.33
C LYS B 161 24.13 12.57 -10.39
N ALA B 162 24.08 12.13 -11.64
CA ALA B 162 24.10 13.01 -12.80
C ALA B 162 22.72 13.62 -13.07
N ASP B 163 21.66 12.83 -12.91
CA ASP B 163 20.32 13.28 -13.29
C ASP B 163 19.45 13.73 -12.10
N ALA B 164 18.80 14.88 -12.26
CA ALA B 164 17.85 15.38 -11.28
C ALA B 164 16.58 15.83 -12.00
N PRO B 165 15.45 15.25 -11.71
CA PRO B 165 15.25 14.27 -10.67
C PRO B 165 15.61 12.90 -11.17
N SER B 166 15.69 11.93 -10.26
CA SER B 166 15.93 10.55 -10.66
C SER B 166 14.83 9.99 -11.54
N GLY B 167 15.16 8.93 -12.27
CA GLY B 167 14.19 8.25 -13.10
C GLY B 167 13.03 7.70 -12.25
N THR B 168 13.32 7.12 -11.10
CA THR B 168 12.29 6.52 -10.25
C THR B 168 11.34 7.61 -9.80
N ALA B 169 11.87 8.77 -9.42
CA ALA B 169 11.01 9.86 -8.95
C ALA B 169 10.08 10.38 -10.02
N ALA B 170 10.60 10.58 -11.20
CA ALA B 170 9.82 11.08 -12.34
C ALA B 170 8.74 10.10 -12.76
N ARG B 171 9.06 8.82 -12.79
CA ARG B 171 8.11 7.69 -13.03
C ARG B 171 7.01 7.70 -11.95
N THR B 172 7.41 7.89 -10.69
CA THR B 172 6.46 7.91 -9.57
C THR B 172 5.48 9.10 -9.68
N ALA B 173 6.01 10.27 -9.98
CA ALA B 173 5.18 11.44 -10.17
C ALA B 173 4.22 11.29 -11.36
N LYS B 174 4.65 10.59 -12.42
CA LYS B 174 3.76 10.35 -13.58
C LYS B 174 2.63 9.43 -13.21
N LEU B 175 2.91 8.39 -12.41
CA LEU B 175 1.82 7.53 -11.94
C LEU B 175 0.83 8.25 -11.04
N ILE B 176 1.33 9.03 -10.12
CA ILE B 176 0.51 9.79 -9.24
C ILE B 176 -0.42 10.69 -10.05
N ALA B 177 0.15 11.43 -11.01
CA ALA B 177 -0.62 12.35 -11.86
C ALA B 177 -1.72 11.65 -12.66
N GLU B 178 -1.40 10.47 -13.20
CA GLU B 178 -2.36 9.64 -13.93
C GLU B 178 -3.49 9.14 -13.02
N ALA B 179 -3.15 8.67 -11.83
CA ALA B 179 -4.17 8.30 -10.84
C ALA B 179 -5.05 9.48 -10.43
N ARG B 180 -4.52 10.70 -10.58
CA ARG B 180 -5.27 11.93 -10.23
C ARG B 180 -6.02 12.63 -11.40
N LYS B 181 -6.08 12.01 -12.58
CA LYS B 181 -6.82 12.55 -13.74
C LYS B 181 -8.22 12.91 -13.29
N GLY B 182 -8.66 14.10 -13.63
CA GLY B 182 -10.01 14.53 -13.25
C GLY B 182 -10.22 15.07 -11.82
N LEU B 183 -9.19 15.01 -10.94
CA LEU B 183 -9.19 15.80 -9.70
C LEU B 183 -8.67 17.19 -9.92
N PRO B 184 -9.04 18.13 -9.03
CA PRO B 184 -8.37 19.46 -9.07
C PRO B 184 -6.83 19.38 -8.91
N PRO B 185 -6.10 20.38 -9.42
CA PRO B 185 -4.64 20.39 -9.23
C PRO B 185 -4.27 20.58 -7.72
N ASN B 186 -3.02 20.27 -7.36
CA ASN B 186 -2.49 20.65 -6.07
C ASN B 186 -2.80 22.11 -5.74
N PRO B 187 -3.48 22.34 -4.61
CA PRO B 187 -3.67 23.74 -4.24
C PRO B 187 -2.31 24.39 -3.91
N ASP B 188 -2.13 25.61 -4.39
CA ASP B 188 -0.93 26.40 -4.20
C ASP B 188 -1.22 27.89 -4.33
N ALA B 189 -1.13 28.61 -3.19
CA ALA B 189 -1.25 30.09 -3.14
C ALA B 189 0.07 30.88 -3.36
N THR B 190 1.15 30.20 -3.69
CA THR B 190 2.45 30.85 -3.91
C THR B 190 2.33 32.02 -4.90
N SER B 191 2.58 33.25 -4.42
CA SER B 191 2.60 34.46 -5.28
C SER B 191 3.92 35.25 -5.33
N THR B 192 4.83 34.93 -4.41
CA THR B 192 6.20 35.45 -4.40
C THR B 192 7.19 34.33 -4.03
N SER B 193 8.12 34.06 -4.93
CA SER B 193 9.03 32.98 -4.76
C SER B 193 10.33 33.26 -5.45
N LEU B 194 11.38 32.68 -4.94
CA LEU B 194 12.59 32.55 -5.68
C LEU B 194 12.38 31.43 -6.70
N PRO B 195 12.90 31.60 -7.94
CA PRO B 195 12.69 30.48 -8.85
C PRO B 195 13.40 29.19 -8.41
N GLY B 196 12.72 28.07 -8.61
CA GLY B 196 13.22 26.77 -8.21
C GLY B 196 12.79 26.29 -6.86
N ALA B 197 12.24 27.16 -6.03
CA ALA B 197 11.81 26.78 -4.66
C ALA B 197 10.78 25.64 -4.62
N ARG B 198 9.85 25.67 -5.56
CA ARG B 198 8.74 24.72 -5.58
C ARG B 198 9.04 23.46 -6.35
N GLY B 199 10.28 23.22 -6.72
CA GLY B 199 10.61 21.90 -7.29
C GLY B 199 10.30 21.89 -8.78
N ALA B 200 10.49 20.75 -9.38
CA ALA B 200 10.26 20.60 -10.80
C ALA B 200 8.84 20.13 -10.96
N ASP B 201 8.18 20.54 -12.01
CA ASP B 201 6.85 20.06 -12.33
C ASP B 201 6.86 18.82 -13.22
N VAL B 202 6.37 17.68 -12.72
CA VAL B 202 6.28 16.47 -13.53
C VAL B 202 4.79 16.09 -13.59
N ASP B 203 4.14 16.42 -14.71
CA ASP B 203 2.70 16.30 -14.94
C ASP B 203 1.82 16.88 -13.81
N GLY B 204 2.17 18.07 -13.31
CA GLY B 204 1.45 18.75 -12.23
C GLY B 204 1.93 18.37 -10.81
N ILE B 205 2.88 17.44 -10.69
CA ILE B 205 3.31 17.00 -9.37
C ILE B 205 4.71 17.59 -9.05
N PRO B 206 4.82 18.42 -8.00
CA PRO B 206 6.19 18.88 -7.67
C PRO B 206 7.14 17.75 -7.31
N VAL B 207 8.34 17.76 -7.86
CA VAL B 207 9.39 16.81 -7.46
C VAL B 207 10.63 17.61 -7.00
N HIS B 208 11.15 17.29 -5.82
CA HIS B 208 12.34 17.97 -5.25
C HIS B 208 13.48 17.00 -5.17
N ALA B 209 14.66 17.43 -5.60
CA ALA B 209 15.86 16.55 -5.60
C ALA B 209 16.93 17.08 -4.67
N VAL B 210 17.21 16.33 -3.61
CA VAL B 210 18.24 16.67 -2.67
C VAL B 210 19.46 15.90 -3.06
N ARG B 211 20.60 16.58 -3.08
CA ARG B 211 21.93 15.98 -3.35
C ARG B 211 22.88 16.22 -2.15
N LEU B 212 23.13 15.15 -1.41
CA LEU B 212 23.74 15.21 -0.09
C LEU B 212 24.80 14.13 0.02
N ALA B 213 26.04 14.54 0.27
CA ALA B 213 27.06 13.59 0.65
C ALA B 213 26.61 12.71 1.82
N GLY B 214 26.97 11.44 1.75
CA GLY B 214 26.56 10.49 2.78
C GLY B 214 25.27 9.71 2.50
N LEU B 215 24.49 10.13 1.50
CA LEU B 215 23.29 9.37 1.10
C LEU B 215 23.59 8.34 0.01
N VAL B 216 22.73 7.32 -0.08
CA VAL B 216 22.64 6.43 -1.22
C VAL B 216 21.44 6.80 -2.08
N ALA B 217 20.30 6.17 -1.89
CA ALA B 217 19.16 6.46 -2.72
C ALA B 217 17.96 6.40 -1.78
N HIS B 218 17.16 7.44 -1.82
CA HIS B 218 16.01 7.61 -0.95
C HIS B 218 14.86 8.37 -1.66
N GLN B 219 13.65 8.01 -1.37
CA GLN B 219 12.51 8.67 -1.96
C GLN B 219 11.33 8.69 -0.98
N GLU B 220 10.71 9.85 -0.85
CA GLU B 220 9.50 10.09 -0.05
C GLU B 220 8.41 10.57 -0.97
N VAL B 221 7.23 9.99 -0.87
CA VAL B 221 6.02 10.57 -1.45
C VAL B 221 5.17 11.09 -0.33
N LEU B 222 4.77 12.35 -0.40
CA LEU B 222 3.95 13.00 0.56
C LEU B 222 2.57 13.32 0.04
N PHE B 223 1.55 12.91 0.80
CA PHE B 223 0.16 13.21 0.52
C PHE B 223 -0.48 13.95 1.67
N GLY B 224 -1.35 14.91 1.34
CA GLY B 224 -1.94 15.74 2.36
C GLY B 224 -3.37 16.14 2.06
N THR B 225 -4.15 16.23 3.10
CA THR B 225 -5.48 16.73 3.03
C THR B 225 -5.71 17.40 4.39
N GLU B 226 -6.66 18.29 4.51
CA GLU B 226 -6.89 18.98 5.74
C GLU B 226 -7.02 17.94 6.83
N GLY B 227 -6.23 18.16 7.87
CA GLY B 227 -6.19 17.28 9.00
C GLY B 227 -5.24 16.11 9.04
N GLU B 228 -4.68 15.69 7.89
CA GLU B 228 -3.86 14.51 7.89
C GLU B 228 -2.89 14.42 6.73
N THR B 229 -1.80 13.71 6.94
CA THR B 229 -0.84 13.49 5.91
C THR B 229 -0.45 12.01 5.95
N LEU B 230 0.01 11.52 4.81
CA LEU B 230 0.53 10.21 4.65
C LEU B 230 1.80 10.29 3.86
N THR B 231 2.82 9.59 4.27
CA THR B 231 4.16 9.61 3.66
C THR B 231 4.61 8.19 3.42
N ILE B 232 5.25 7.92 2.31
CA ILE B 232 5.71 6.58 2.01
C ILE B 232 7.15 6.79 1.65
N ARG B 233 8.05 6.20 2.42
CA ARG B 233 9.43 6.43 2.23
C ARG B 233 10.14 5.12 1.92
N HIS B 234 10.96 5.17 0.87
CA HIS B 234 11.85 4.05 0.50
C HIS B 234 13.33 4.44 0.66
N ASP B 235 14.11 3.65 1.33
CA ASP B 235 15.56 3.93 1.52
C ASP B 235 16.35 2.74 1.06
N SER B 236 17.26 2.95 0.17
CA SER B 236 18.09 1.90 -0.32
C SER B 236 19.48 2.20 0.21
N LEU B 237 20.03 1.31 1.02
CA LEU B 237 21.32 1.56 1.67
C LEU B 237 22.46 0.84 1.06
N ASP B 238 22.19 0.04 0.04
CA ASP B 238 23.25 -0.44 -0.83
C ASP B 238 22.78 -0.76 -2.23
N ARG B 239 23.73 -0.68 -3.17
CA ARG B 239 23.56 -0.84 -4.63
C ARG B 239 22.97 -2.18 -5.01
N THR B 240 23.19 -3.23 -4.18
CA THR B 240 22.63 -4.57 -4.49
C THR B 240 21.24 -4.88 -3.89
N SER B 241 20.48 -3.87 -3.46
CA SER B 241 19.17 -4.09 -2.82
C SER B 241 18.11 -4.66 -3.77
N PHE B 242 18.32 -4.56 -5.07
CA PHE B 242 17.47 -5.15 -6.07
C PHE B 242 17.55 -6.66 -6.13
N VAL B 243 18.59 -7.30 -5.63
CA VAL B 243 18.75 -8.80 -5.72
C VAL B 243 17.56 -9.64 -5.27
N PRO B 244 16.96 -9.36 -4.11
CA PRO B 244 15.81 -10.18 -3.70
C PRO B 244 14.59 -10.05 -4.59
N GLY B 245 14.37 -8.90 -5.22
CA GLY B 245 13.24 -8.79 -6.13
C GLY B 245 13.45 -9.66 -7.38
N VAL B 246 14.70 -9.77 -7.84
CA VAL B 246 15.05 -10.59 -9.02
C VAL B 246 14.87 -12.07 -8.62
N LEU B 247 15.35 -12.48 -7.44
CA LEU B 247 15.14 -13.83 -7.01
C LEU B 247 13.67 -14.15 -6.80
N LEU B 248 12.91 -13.23 -6.21
CA LEU B 248 11.50 -13.38 -6.09
C LEU B 248 10.82 -13.57 -7.47
N ALA B 249 11.20 -12.74 -8.43
CA ALA B 249 10.68 -12.89 -9.78
C ALA B 249 11.05 -14.24 -10.40
N VAL B 250 12.27 -14.71 -10.17
CA VAL B 250 12.65 -16.02 -10.68
C VAL B 250 11.79 -17.10 -10.03
N ARG B 251 11.56 -17.00 -8.74
CA ARG B 251 10.77 -18.05 -8.03
C ARG B 251 9.32 -18.08 -8.36
N ARG B 252 8.77 -16.97 -8.86
CA ARG B 252 7.33 -16.83 -9.11
C ARG B 252 6.89 -16.63 -10.49
N ILE B 253 7.81 -16.35 -11.40
CA ILE B 253 7.45 -15.98 -12.76
C ILE B 253 6.45 -16.94 -13.45
N ALA B 254 6.58 -18.22 -13.18
CA ALA B 254 5.73 -19.23 -13.75
C ALA B 254 4.29 -19.15 -13.29
N GLU B 255 4.01 -18.49 -12.17
CA GLU B 255 2.60 -18.28 -11.69
C GLU B 255 1.70 -17.44 -12.66
N ARG B 256 2.34 -16.63 -13.52
CA ARG B 256 1.68 -15.87 -14.57
C ARG B 256 2.14 -16.17 -15.98
N PRO B 257 1.40 -16.99 -16.72
CA PRO B 257 1.67 -17.16 -18.16
C PRO B 257 1.61 -15.84 -18.95
N GLY B 258 2.38 -15.74 -20.03
CA GLY B 258 2.41 -14.54 -20.87
C GLY B 258 3.33 -13.44 -20.34
N LEU B 259 3.07 -12.23 -20.77
CA LEU B 259 3.88 -11.12 -20.48
C LEU B 259 3.36 -10.45 -19.24
N THR B 260 4.27 -10.18 -18.31
CA THR B 260 4.02 -9.28 -17.21
C THR B 260 5.00 -8.09 -17.28
N VAL B 261 4.48 -6.86 -17.19
CA VAL B 261 5.26 -5.67 -17.20
C VAL B 261 5.28 -5.12 -15.76
N GLY B 262 6.45 -5.02 -15.16
CA GLY B 262 6.68 -4.52 -13.80
C GLY B 262 6.62 -5.71 -12.88
N LEU B 263 7.29 -5.60 -11.73
CA LEU B 263 7.28 -6.61 -10.70
C LEU B 263 5.99 -6.69 -9.92
N GLU B 264 5.19 -5.62 -9.90
CA GLU B 264 3.97 -5.55 -9.05
C GLU B 264 3.01 -6.70 -9.15
N PRO B 265 2.63 -7.09 -10.37
CA PRO B 265 1.66 -8.22 -10.43
C PRO B 265 2.16 -9.52 -9.79
N LEU B 266 3.47 -9.80 -9.74
CA LEU B 266 3.94 -11.00 -9.05
C LEU B 266 3.84 -10.90 -7.57
N LEU B 267 3.80 -9.66 -7.08
CA LEU B 267 3.67 -9.42 -5.66
C LEU B 267 2.20 -9.60 -5.20
N ASP B 268 1.25 -9.07 -6.00
CA ASP B 268 -0.21 -9.09 -5.81
C ASP B 268 -0.68 -8.68 -4.43
#